data_1AKL
#
_entry.id   1AKL
#
_cell.length_a   77.160
_cell.length_b   176.690
_cell.length_c   51.120
_cell.angle_alpha   90.00
_cell.angle_beta   90.00
_cell.angle_gamma   90.00
#
_symmetry.space_group_name_H-M   'P 21 21 21'
#
loop_
_entity.id
_entity.type
_entity.pdbx_description
1 polymer 'ALKALINE PROTEASE'
2 non-polymer 'ZINC ION'
3 non-polymer 'CALCIUM ION'
4 water water
#
_entity_poly.entity_id   1
_entity_poly.type   'polypeptide(L)'
_entity_poly.pdbx_seq_one_letter_code
;GRSDAYTQVDNFLHAYARGGDELVNGHPSYTVDQAAEQILREQASWQKAPGDSVLTLSYSFLTKPNDFFNTPWKYVSDIY
SLGKFSAFSAQQQAQAKLSLQSWSDVTNIHFVDAGQGDQGDLTFGNFSSSVGGAAFAFLPDVPDALKGQSWYLINSSYSA
NVNPANGNYGRQTLTHEIGHTLGLSHPGDYNAGEGDPTYADATYAEDTRAYSVMSYWEEQNTGQDFKGAYSSAPLLDDIA
AIQKLYGANLTTRTGDTVYGFNSNTERDFYSATSSSSKLVFSVWDAGGNDTLDFSGFSQNQKINLNEKALSDVGGLKGNV
SIAAGVTVENAIGGSGSDLLIGNDVANVLKGGAGNDILYGGLGADQLWGGAGADTFVYGDIAESSAAAPDTLRDFVSGQD
KIDLSGLDAFVNGGLVLQYVDAFAGKAGQAILSYDAASKAGSLAIDFSGDAHADFAINLIGQATQADIVV
;
_entity_poly.pdbx_strand_id   A
#
loop_
_chem_comp.id
_chem_comp.type
_chem_comp.name
_chem_comp.formula
CA non-polymer 'CALCIUM ION' 'Ca 2'
ZN non-polymer 'ZINC ION' 'Zn 2'
#
# COMPACT_ATOMS: atom_id res chain seq x y z
N GLY A 1 -18.06 16.47 -23.72
CA GLY A 1 -16.68 15.93 -23.92
C GLY A 1 -16.05 15.80 -22.54
N ARG A 2 -15.32 14.71 -22.32
CA ARG A 2 -14.67 14.47 -21.04
C ARG A 2 -13.97 15.70 -20.50
N SER A 3 -14.19 15.95 -19.22
CA SER A 3 -13.57 17.10 -18.57
C SER A 3 -12.17 16.75 -18.11
N ASP A 4 -11.43 17.78 -17.73
CA ASP A 4 -10.08 17.62 -17.23
C ASP A 4 -10.15 16.87 -15.92
N ALA A 5 -11.19 17.15 -15.14
CA ALA A 5 -11.39 16.51 -13.86
C ALA A 5 -11.54 15.01 -14.04
N TYR A 6 -12.34 14.60 -15.02
CA TYR A 6 -12.55 13.18 -15.27
C TYR A 6 -11.29 12.56 -15.84
N THR A 7 -10.52 13.36 -16.57
CA THR A 7 -9.27 12.89 -17.18
C THR A 7 -8.24 12.58 -16.09
N GLN A 8 -8.19 13.43 -15.06
CA GLN A 8 -7.26 13.20 -13.97
C GLN A 8 -7.57 11.90 -13.23
N VAL A 9 -8.87 11.63 -13.03
CA VAL A 9 -9.30 10.41 -12.36
C VAL A 9 -8.89 9.18 -13.18
N ASP A 10 -9.19 9.20 -14.47
CA ASP A 10 -8.87 8.10 -15.38
C ASP A 10 -7.38 7.83 -15.43
N ASN A 11 -6.61 8.89 -15.44
CA ASN A 11 -5.16 8.78 -15.47
C ASN A 11 -4.61 8.14 -14.22
N PHE A 12 -5.05 8.60 -13.05
CA PHE A 12 -4.55 8.02 -11.82
C PHE A 12 -5.04 6.59 -11.61
N LEU A 13 -6.26 6.29 -12.07
CA LEU A 13 -6.81 4.94 -11.94
C LEU A 13 -5.93 3.92 -12.66
N HIS A 14 -5.16 4.40 -13.64
CA HIS A 14 -4.28 3.54 -14.42
C HIS A 14 -2.82 3.81 -14.18
N ALA A 15 -2.51 4.67 -13.23
CA ALA A 15 -1.11 4.96 -12.91
C ALA A 15 -0.51 3.68 -12.29
N TYR A 16 0.80 3.52 -12.41
CA TYR A 16 1.49 2.36 -11.85
C TYR A 16 0.89 1.03 -12.30
N ALA A 17 0.72 0.88 -13.62
CA ALA A 17 0.15 -0.32 -14.19
C ALA A 17 1.12 -1.51 -14.18
N ARG A 18 0.59 -2.70 -13.93
CA ARG A 18 1.38 -3.92 -13.87
C ARG A 18 0.72 -5.01 -14.69
N GLY A 19 1.51 -5.95 -15.18
CA GLY A 19 0.94 -7.04 -15.95
C GLY A 19 0.65 -6.73 -17.41
N GLY A 20 0.86 -5.49 -17.83
CA GLY A 20 0.60 -5.16 -19.22
C GLY A 20 1.42 -6.04 -20.14
N ASP A 21 0.88 -6.35 -21.32
CA ASP A 21 1.61 -7.19 -22.26
C ASP A 21 2.88 -6.51 -22.75
N GLU A 22 3.02 -5.22 -22.45
CA GLU A 22 4.17 -4.45 -22.85
C GLU A 22 5.42 -4.71 -21.99
N LEU A 23 6.56 -4.30 -22.53
CA LEU A 23 7.84 -4.46 -21.85
C LEU A 23 8.10 -3.16 -21.15
N VAL A 24 8.06 -3.18 -19.82
CA VAL A 24 8.31 -1.98 -19.05
C VAL A 24 9.78 -2.02 -18.71
N ASN A 25 10.49 -0.94 -18.98
CA ASN A 25 11.93 -0.86 -18.72
C ASN A 25 12.68 -2.06 -19.27
N GLY A 26 12.27 -2.50 -20.46
CA GLY A 26 12.92 -3.64 -21.09
C GLY A 26 12.75 -4.93 -20.34
N HIS A 27 11.78 -4.94 -19.42
CA HIS A 27 11.50 -6.11 -18.61
C HIS A 27 10.04 -6.43 -18.67
N PRO A 28 9.71 -7.71 -18.58
CA PRO A 28 8.30 -8.08 -18.61
C PRO A 28 7.66 -7.56 -17.31
N SER A 29 6.39 -7.15 -17.40
CA SER A 29 5.66 -6.63 -16.25
C SER A 29 4.91 -7.79 -15.61
N TYR A 30 5.11 -7.98 -14.31
CA TYR A 30 4.47 -9.08 -13.57
C TYR A 30 3.38 -8.53 -12.68
N THR A 31 2.36 -9.33 -12.44
CA THR A 31 1.27 -8.95 -11.56
C THR A 31 1.77 -9.20 -10.15
N VAL A 32 0.96 -8.88 -9.14
CA VAL A 32 1.36 -9.12 -7.77
C VAL A 32 1.63 -10.61 -7.54
N ASP A 33 0.79 -11.47 -8.11
CA ASP A 33 0.96 -12.90 -7.93
C ASP A 33 2.17 -13.48 -8.63
N GLN A 34 2.40 -13.07 -9.88
CA GLN A 34 3.57 -13.56 -10.62
C GLN A 34 4.83 -13.16 -9.88
N ALA A 35 4.81 -11.98 -9.27
CA ALA A 35 5.94 -11.48 -8.50
C ALA A 35 6.14 -12.33 -7.25
N ALA A 36 5.04 -12.68 -6.58
CA ALA A 36 5.10 -13.51 -5.38
C ALA A 36 5.72 -14.85 -5.73
N GLU A 37 5.29 -15.43 -6.84
CA GLU A 37 5.81 -16.71 -7.30
C GLU A 37 7.30 -16.66 -7.57
N GLN A 38 7.77 -15.53 -8.07
CA GLN A 38 9.19 -15.33 -8.38
C GLN A 38 10.03 -15.22 -7.10
N ILE A 39 9.50 -14.53 -6.09
CA ILE A 39 10.17 -14.33 -4.81
C ILE A 39 10.28 -15.63 -4.02
N LEU A 40 9.40 -16.59 -4.32
CA LEU A 40 9.36 -17.89 -3.66
C LEU A 40 9.96 -19.03 -4.46
N ARG A 41 10.65 -18.72 -5.55
CA ARG A 41 11.22 -19.73 -6.45
C ARG A 41 12.15 -20.79 -5.88
N GLU A 42 12.81 -20.50 -4.76
CA GLU A 42 13.72 -21.46 -4.13
C GLU A 42 12.99 -22.62 -3.45
N GLN A 43 11.70 -22.41 -3.17
CA GLN A 43 10.86 -23.41 -2.52
C GLN A 43 11.32 -23.74 -1.09
N ALA A 44 11.91 -22.77 -0.39
CA ALA A 44 12.36 -23.03 0.97
C ALA A 44 11.32 -22.55 1.96
N SER A 45 11.15 -23.26 3.06
CA SER A 45 10.18 -22.85 4.07
C SER A 45 10.34 -23.62 5.36
N TRP A 46 9.81 -23.07 6.44
CA TRP A 46 9.85 -23.74 7.74
C TRP A 46 8.62 -24.66 7.78
N GLN A 47 8.69 -25.73 8.57
CA GLN A 47 7.56 -26.65 8.72
C GLN A 47 6.95 -26.41 10.09
N LYS A 48 5.63 -26.21 10.14
CA LYS A 48 4.95 -25.97 11.41
C LYS A 48 4.92 -27.20 12.32
N ALA A 49 5.44 -27.02 13.53
CA ALA A 49 5.51 -28.09 14.53
C ALA A 49 4.18 -28.80 14.78
N PRO A 50 4.23 -30.11 15.11
CA PRO A 50 3.09 -30.99 15.39
C PRO A 50 2.24 -30.55 16.59
N GLY A 51 0.97 -30.25 16.32
CA GLY A 51 0.07 -29.81 17.36
C GLY A 51 -0.01 -28.29 17.42
N ASP A 52 0.88 -27.64 16.68
CA ASP A 52 0.89 -26.19 16.63
C ASP A 52 -0.12 -25.76 15.58
N SER A 53 -0.91 -24.75 15.92
CA SER A 53 -1.94 -24.22 15.01
C SER A 53 -1.35 -23.14 14.11
N VAL A 54 -0.26 -22.54 14.59
CA VAL A 54 0.43 -21.50 13.86
C VAL A 54 1.91 -21.84 13.94
N LEU A 55 2.67 -21.38 12.96
CA LEU A 55 4.10 -21.60 12.94
C LEU A 55 4.69 -20.79 14.11
N THR A 56 5.42 -21.45 14.99
CA THR A 56 6.01 -20.75 16.12
C THR A 56 7.52 -20.82 16.05
N LEU A 57 8.15 -19.66 16.01
CA LEU A 57 9.59 -19.55 15.88
C LEU A 57 10.09 -18.68 17.01
N SER A 58 11.11 -19.14 17.69
CA SER A 58 11.68 -18.33 18.75
C SER A 58 12.89 -17.60 18.15
N TYR A 59 13.33 -16.52 18.80
CA TYR A 59 14.48 -15.78 18.33
C TYR A 59 15.33 -15.41 19.54
N SER A 60 16.62 -15.20 19.32
CA SER A 60 17.51 -14.83 20.41
C SER A 60 18.67 -14.04 19.85
N PHE A 61 19.25 -13.19 20.69
CA PHE A 61 20.39 -12.38 20.25
C PHE A 61 21.68 -13.01 20.74
N LEU A 62 22.49 -13.45 19.78
CA LEU A 62 23.78 -14.08 20.04
C LEU A 62 24.64 -13.23 20.97
N THR A 63 25.35 -13.90 21.87
CA THR A 63 26.23 -13.23 22.84
C THR A 63 27.71 -13.51 22.59
N LYS A 64 27.98 -14.58 21.85
CA LYS A 64 29.33 -15.00 21.53
C LYS A 64 29.27 -15.64 20.13
N PRO A 65 30.42 -15.81 19.49
CA PRO A 65 30.42 -16.42 18.16
C PRO A 65 29.89 -17.87 18.19
N ASN A 66 29.35 -18.34 17.07
CA ASN A 66 28.86 -19.72 17.01
C ASN A 66 29.74 -20.49 16.04
N ASP A 67 29.35 -21.71 15.68
CA ASP A 67 30.20 -22.50 14.79
C ASP A 67 30.49 -21.86 13.46
N PHE A 68 29.44 -21.40 12.78
CA PHE A 68 29.59 -20.77 11.48
C PHE A 68 30.54 -19.56 11.55
N PHE A 69 30.45 -18.76 12.60
CA PHE A 69 31.30 -17.60 12.72
C PHE A 69 32.78 -18.01 12.79
N ASN A 70 33.08 -18.98 13.64
CA ASN A 70 34.45 -19.48 13.82
C ASN A 70 34.98 -20.16 12.57
N THR A 71 34.12 -20.91 11.88
CA THR A 71 34.52 -21.65 10.67
C THR A 71 33.59 -21.44 9.49
N PRO A 72 33.53 -20.21 8.95
CA PRO A 72 32.68 -19.88 7.81
C PRO A 72 32.92 -20.75 6.58
N TRP A 73 34.20 -20.99 6.27
CA TRP A 73 34.63 -21.78 5.12
C TRP A 73 34.11 -23.21 5.05
N LYS A 74 33.65 -23.73 6.19
CA LYS A 74 33.08 -25.08 6.22
C LYS A 74 31.64 -25.06 5.70
N TYR A 75 31.05 -23.86 5.60
CA TYR A 75 29.68 -23.73 5.13
C TYR A 75 29.56 -22.93 3.85
N VAL A 76 30.15 -21.74 3.83
CA VAL A 76 30.10 -20.88 2.65
C VAL A 76 31.52 -20.77 2.10
N SER A 77 31.73 -21.49 1.01
CA SER A 77 32.99 -21.61 0.32
C SER A 77 34.00 -20.44 0.34
N ASP A 78 33.59 -19.30 -0.19
CA ASP A 78 34.49 -18.15 -0.28
C ASP A 78 34.60 -17.16 0.89
N ILE A 79 34.19 -17.56 2.08
CA ILE A 79 34.29 -16.66 3.23
C ILE A 79 35.39 -17.19 4.13
N TYR A 80 36.51 -16.48 4.12
CA TYR A 80 37.67 -16.86 4.93
C TYR A 80 37.61 -16.28 6.33
N SER A 81 36.99 -15.11 6.50
CA SER A 81 36.91 -14.48 7.81
C SER A 81 35.77 -13.47 7.85
N LEU A 82 35.18 -13.30 9.03
CA LEU A 82 34.09 -12.36 9.20
C LEU A 82 34.49 -11.22 10.12
N GLY A 83 35.76 -11.16 10.51
CA GLY A 83 36.19 -10.08 11.38
C GLY A 83 35.83 -10.30 12.84
N LYS A 84 35.51 -9.23 13.55
CA LYS A 84 35.15 -9.32 14.95
C LYS A 84 33.66 -9.50 15.16
N PHE A 85 33.31 -10.27 16.16
CA PHE A 85 31.93 -10.50 16.48
C PHE A 85 31.51 -9.52 17.54
N SER A 86 30.26 -9.08 17.50
CA SER A 86 29.69 -8.19 18.51
C SER A 86 28.21 -8.50 18.61
N ALA A 87 27.68 -8.38 19.81
CA ALA A 87 26.28 -8.64 20.08
C ALA A 87 25.43 -7.44 19.65
N PHE A 88 24.15 -7.71 19.40
CA PHE A 88 23.22 -6.68 19.00
C PHE A 88 23.08 -5.68 20.14
N SER A 89 23.16 -4.40 19.84
CA SER A 89 23.00 -3.39 20.88
C SER A 89 21.52 -3.33 21.27
N ALA A 90 21.20 -2.55 22.31
CA ALA A 90 19.83 -2.41 22.78
C ALA A 90 18.91 -1.85 21.70
N GLN A 91 19.42 -0.91 20.92
CA GLN A 91 18.64 -0.32 19.86
C GLN A 91 18.37 -1.35 18.78
N GLN A 92 19.42 -2.05 18.33
CA GLN A 92 19.25 -3.08 17.31
C GLN A 92 18.25 -4.13 17.73
N GLN A 93 18.25 -4.48 19.02
CA GLN A 93 17.31 -5.47 19.51
C GLN A 93 15.86 -4.96 19.49
N ALA A 94 15.67 -3.70 19.89
CA ALA A 94 14.34 -3.10 19.92
C ALA A 94 13.80 -3.01 18.51
N GLN A 95 14.65 -2.57 17.59
CA GLN A 95 14.28 -2.44 16.18
C GLN A 95 14.05 -3.80 15.52
N ALA A 96 14.82 -4.80 15.91
CA ALA A 96 14.67 -6.14 15.36
C ALA A 96 13.30 -6.71 15.73
N LYS A 97 12.83 -6.38 16.93
CA LYS A 97 11.53 -6.85 17.42
C LYS A 97 10.36 -6.16 16.69
N LEU A 98 10.57 -4.94 16.21
CA LEU A 98 9.54 -4.23 15.46
C LEU A 98 9.45 -4.83 14.04
N SER A 99 10.59 -5.23 13.46
CA SER A 99 10.60 -5.85 12.14
C SER A 99 9.97 -7.23 12.20
N LEU A 100 10.31 -7.99 13.24
CA LEU A 100 9.74 -9.31 13.42
C LEU A 100 8.22 -9.15 13.50
N GLN A 101 7.77 -8.22 14.33
CA GLN A 101 6.34 -7.96 14.50
C GLN A 101 5.68 -7.63 13.16
N SER A 102 6.33 -6.81 12.33
CA SER A 102 5.76 -6.44 11.04
C SER A 102 5.53 -7.63 10.12
N TRP A 103 6.26 -8.72 10.36
CA TRP A 103 6.08 -9.93 9.57
C TRP A 103 4.95 -10.74 10.19
N SER A 104 4.90 -10.86 11.51
CA SER A 104 3.83 -11.63 12.14
C SER A 104 2.46 -10.97 11.97
N ASP A 105 2.45 -9.66 11.74
CA ASP A 105 1.21 -8.92 11.52
C ASP A 105 0.51 -9.42 10.27
N VAL A 106 1.28 -9.76 9.24
CA VAL A 106 0.70 -10.20 7.98
C VAL A 106 0.55 -11.69 7.73
N THR A 107 1.31 -12.52 8.44
CA THR A 107 1.20 -13.97 8.27
C THR A 107 0.88 -14.65 9.56
N ASN A 108 0.70 -15.96 9.47
CA ASN A 108 0.41 -16.73 10.64
C ASN A 108 1.69 -17.29 11.22
N ILE A 109 2.44 -16.43 11.90
CA ILE A 109 3.68 -16.81 12.55
C ILE A 109 3.64 -16.15 13.91
N HIS A 110 4.03 -16.88 14.93
CA HIS A 110 4.07 -16.36 16.28
C HIS A 110 5.52 -16.39 16.73
N PHE A 111 6.12 -15.22 16.92
CA PHE A 111 7.51 -15.12 17.34
C PHE A 111 7.62 -15.07 18.86
N VAL A 112 8.48 -15.94 19.40
CA VAL A 112 8.68 -16.04 20.83
C VAL A 112 10.07 -15.55 21.19
N ASP A 113 10.17 -14.69 22.20
CA ASP A 113 11.46 -14.14 22.61
C ASP A 113 12.26 -15.14 23.46
N ALA A 114 13.34 -15.67 22.90
CA ALA A 114 14.19 -16.62 23.60
C ALA A 114 15.33 -15.92 24.33
N GLY A 115 15.40 -14.60 24.25
CA GLY A 115 16.42 -13.83 24.94
C GLY A 115 17.81 -13.71 24.32
N GLN A 116 18.82 -13.69 25.19
CA GLN A 116 20.22 -13.58 24.77
C GLN A 116 20.85 -14.96 24.70
N GLY A 117 21.48 -15.29 23.58
CA GLY A 117 22.09 -16.59 23.46
C GLY A 117 21.86 -17.16 22.09
N ASP A 118 22.07 -18.46 21.96
CA ASP A 118 21.92 -19.14 20.68
C ASP A 118 20.78 -20.16 20.69
N GLN A 119 19.78 -19.91 21.52
CA GLN A 119 18.67 -20.82 21.66
C GLN A 119 17.50 -20.62 20.70
N GLY A 120 17.37 -19.42 20.13
CA GLY A 120 16.26 -19.18 19.23
C GLY A 120 16.43 -19.82 17.86
N ASP A 121 15.31 -20.09 17.18
CA ASP A 121 15.33 -20.67 15.85
C ASP A 121 15.92 -19.64 14.89
N LEU A 122 15.74 -18.37 15.24
CA LEU A 122 16.28 -17.25 14.47
C LEU A 122 17.26 -16.56 15.41
N THR A 123 18.47 -16.30 14.94
CA THR A 123 19.48 -15.63 15.77
C THR A 123 20.02 -14.41 15.00
N PHE A 124 20.47 -13.40 15.74
CA PHE A 124 21.02 -12.16 15.15
C PHE A 124 22.38 -11.85 15.75
N GLY A 125 23.34 -11.47 14.93
CA GLY A 125 24.67 -11.12 15.43
C GLY A 125 25.34 -10.15 14.48
N ASN A 126 26.39 -9.46 14.93
CA ASN A 126 27.09 -8.51 14.07
C ASN A 126 28.48 -8.99 13.71
N PHE A 127 28.96 -8.60 12.53
CA PHE A 127 30.30 -8.97 12.08
C PHE A 127 30.94 -7.69 11.53
N SER A 128 32.26 -7.65 11.48
CA SER A 128 32.97 -6.44 11.04
C SER A 128 33.65 -6.41 9.69
N SER A 129 33.85 -7.56 9.05
CA SER A 129 34.53 -7.56 7.77
C SER A 129 33.60 -8.01 6.67
N SER A 130 33.27 -7.09 5.77
CA SER A 130 32.35 -7.38 4.68
C SER A 130 32.81 -8.47 3.75
N VAL A 131 31.83 -9.26 3.31
CA VAL A 131 32.05 -10.33 2.34
C VAL A 131 31.29 -9.94 1.08
N GLY A 132 31.12 -8.64 0.87
CA GLY A 132 30.41 -8.16 -0.31
C GLY A 132 29.39 -7.09 0.00
N GLY A 133 28.42 -7.44 0.83
CA GLY A 133 27.37 -6.51 1.16
C GLY A 133 27.41 -6.09 2.61
N ALA A 134 26.28 -5.58 3.07
CA ALA A 134 26.12 -5.07 4.42
C ALA A 134 25.46 -6.02 5.40
N ALA A 135 24.98 -7.16 4.91
CA ALA A 135 24.33 -8.15 5.77
C ALA A 135 24.10 -9.41 4.96
N PHE A 136 23.71 -10.49 5.63
CA PHE A 136 23.38 -11.75 4.97
C PHE A 136 22.56 -12.66 5.87
N ALA A 137 21.82 -13.57 5.27
CA ALA A 137 20.96 -14.47 6.02
C ALA A 137 20.89 -15.76 5.26
N PHE A 138 20.40 -16.81 5.88
CA PHE A 138 20.31 -18.08 5.20
C PHE A 138 18.84 -18.45 5.08
N LEU A 139 18.43 -18.95 3.93
CA LEU A 139 17.05 -19.35 3.75
C LEU A 139 16.87 -20.59 4.62
N PRO A 140 15.62 -20.95 4.95
CA PRO A 140 15.39 -22.14 5.78
C PRO A 140 15.55 -23.54 5.14
N ASP A 141 16.27 -23.62 4.03
CA ASP A 141 16.49 -24.90 3.38
C ASP A 141 17.94 -25.38 3.54
N VAL A 142 18.68 -24.74 4.43
CA VAL A 142 20.08 -25.07 4.70
C VAL A 142 20.14 -26.05 5.87
N PRO A 143 21.31 -26.68 6.09
CA PRO A 143 21.40 -27.62 7.21
C PRO A 143 21.07 -26.94 8.52
N ASP A 144 20.61 -27.71 9.49
CA ASP A 144 20.23 -27.17 10.79
C ASP A 144 21.24 -26.24 11.44
N ALA A 145 22.51 -26.44 11.17
CA ALA A 145 23.58 -25.62 11.73
C ALA A 145 23.55 -24.16 11.31
N LEU A 146 22.91 -23.87 10.18
CA LEU A 146 22.83 -22.53 9.65
C LEU A 146 21.44 -21.90 9.65
N LYS A 147 20.43 -22.74 9.70
CA LYS A 147 19.05 -22.27 9.63
C LYS A 147 18.72 -21.14 10.60
N GLY A 148 18.02 -20.14 10.09
CA GLY A 148 17.58 -19.00 10.90
C GLY A 148 18.55 -17.88 11.24
N GLN A 149 19.79 -17.98 10.81
CA GLN A 149 20.78 -16.96 11.12
C GLN A 149 20.80 -15.80 10.13
N SER A 150 21.01 -14.60 10.67
CA SER A 150 21.15 -13.39 9.87
C SER A 150 22.29 -12.64 10.55
N TRP A 151 23.17 -12.06 9.75
CA TRP A 151 24.35 -11.35 10.23
C TRP A 151 24.38 -9.94 9.66
N TYR A 152 24.80 -8.97 10.46
CA TYR A 152 24.83 -7.58 10.02
C TYR A 152 26.19 -6.92 10.23
N LEU A 153 26.66 -6.26 9.18
CA LEU A 153 27.96 -5.59 9.20
C LEU A 153 28.02 -4.31 10.02
N ILE A 154 28.97 -4.26 10.94
CA ILE A 154 29.18 -3.07 11.75
C ILE A 154 30.68 -2.81 11.89
N ASN A 155 31.11 -1.62 11.51
CA ASN A 155 32.52 -1.27 11.64
C ASN A 155 32.72 0.24 11.65
N SER A 156 33.96 0.68 11.79
CA SER A 156 34.27 2.10 11.86
C SER A 156 33.88 2.90 10.63
N SER A 157 33.85 2.27 9.46
CA SER A 157 33.51 2.97 8.24
C SER A 157 32.07 2.84 7.77
N TYR A 158 31.44 1.70 8.00
CA TYR A 158 30.06 1.48 7.57
C TYR A 158 29.16 1.50 8.80
N SER A 159 28.31 2.51 8.92
CA SER A 159 27.45 2.63 10.09
C SER A 159 25.95 2.49 9.90
N ALA A 160 25.50 2.13 8.71
CA ALA A 160 24.07 2.02 8.46
C ALA A 160 23.29 1.06 9.36
N ASN A 161 23.95 0.05 9.92
CA ASN A 161 23.28 -0.93 10.78
C ASN A 161 23.35 -0.64 12.27
N VAL A 162 24.05 0.42 12.64
CA VAL A 162 24.21 0.78 14.04
C VAL A 162 22.93 1.31 14.66
N ASN A 163 22.24 2.19 13.96
CA ASN A 163 21.03 2.76 14.50
C ASN A 163 19.83 2.63 13.57
N PRO A 164 19.19 1.46 13.58
CA PRO A 164 18.03 1.28 12.72
C PRO A 164 16.95 2.16 13.30
N ALA A 165 16.11 2.73 12.45
CA ALA A 165 15.02 3.58 12.94
C ALA A 165 13.97 3.60 11.86
N ASN A 166 12.75 3.98 12.22
CA ASN A 166 11.66 4.02 11.27
C ASN A 166 12.01 4.84 10.05
N GLY A 167 11.90 4.23 8.88
CA GLY A 167 12.20 4.93 7.66
C GLY A 167 13.62 4.87 7.14
N ASN A 168 14.57 4.35 7.88
CA ASN A 168 15.93 4.31 7.35
C ASN A 168 16.40 2.97 6.84
N TYR A 169 17.56 2.99 6.21
CA TYR A 169 18.11 1.79 5.61
C TYR A 169 18.40 0.70 6.63
N GLY A 170 18.89 1.08 7.80
CA GLY A 170 19.18 0.10 8.82
C GLY A 170 17.96 -0.73 9.16
N ARG A 171 16.81 -0.09 9.32
CA ARG A 171 15.56 -0.78 9.65
C ARG A 171 15.10 -1.67 8.51
N GLN A 172 15.18 -1.20 7.28
CA GLN A 172 14.77 -2.02 6.16
C GLN A 172 15.64 -3.28 6.05
N THR A 173 16.93 -3.13 6.34
CA THR A 173 17.87 -4.25 6.26
C THR A 173 17.46 -5.36 7.23
N LEU A 174 16.97 -4.98 8.40
CA LEU A 174 16.51 -5.98 9.37
C LEU A 174 15.31 -6.70 8.78
N THR A 175 14.35 -5.95 8.26
CA THR A 175 13.15 -6.55 7.69
C THR A 175 13.49 -7.44 6.51
N HIS A 176 14.42 -6.99 5.69
CA HIS A 176 14.89 -7.70 4.51
C HIS A 176 15.56 -9.05 4.89
N GLU A 177 16.53 -9.04 5.81
CA GLU A 177 17.22 -10.26 6.22
C GLU A 177 16.32 -11.27 6.90
N ILE A 178 15.39 -10.78 7.72
CA ILE A 178 14.46 -11.67 8.40
C ILE A 178 13.59 -12.34 7.33
N GLY A 179 13.30 -11.60 6.26
CA GLY A 179 12.52 -12.15 5.15
C GLY A 179 13.21 -13.38 4.61
N HIS A 180 14.52 -13.27 4.49
CA HIS A 180 15.36 -14.36 4.03
C HIS A 180 15.27 -15.53 4.94
N THR A 181 15.31 -15.31 6.25
CA THR A 181 15.23 -16.41 7.20
C THR A 181 13.88 -17.10 7.14
N LEU A 182 12.87 -16.38 6.66
CA LEU A 182 11.52 -16.94 6.54
C LEU A 182 11.25 -17.69 5.24
N GLY A 183 12.07 -17.49 4.21
CA GLY A 183 11.87 -18.21 2.97
C GLY A 183 11.90 -17.42 1.68
N LEU A 184 11.98 -16.10 1.81
CA LEU A 184 11.98 -15.21 0.66
C LEU A 184 13.35 -14.94 0.00
N SER A 185 13.40 -14.99 -1.32
CA SER A 185 14.64 -14.71 -2.05
C SER A 185 14.55 -13.31 -2.60
N HIS A 186 15.64 -12.84 -3.20
CA HIS A 186 15.64 -11.53 -3.87
C HIS A 186 14.72 -11.80 -5.05
N PRO A 187 14.06 -10.76 -5.57
CA PRO A 187 13.17 -11.03 -6.70
C PRO A 187 13.86 -11.54 -7.96
N GLY A 188 15.19 -11.48 -7.99
CA GLY A 188 15.93 -11.93 -9.15
C GLY A 188 17.24 -12.63 -8.88
N ASP A 189 17.83 -13.14 -9.95
CA ASP A 189 19.10 -13.87 -9.94
C ASP A 189 19.01 -15.30 -9.46
N TYR A 190 19.06 -16.21 -10.42
CA TYR A 190 19.04 -17.64 -10.13
C TYR A 190 19.35 -18.41 -11.43
N ASN A 191 18.66 -18.03 -12.51
CA ASN A 191 18.88 -18.65 -13.81
C ASN A 191 20.33 -18.34 -14.25
N ALA A 192 20.83 -17.19 -13.79
CA ALA A 192 22.17 -16.73 -14.10
C ALA A 192 22.59 -15.72 -13.03
N GLY A 193 23.47 -14.78 -13.38
CA GLY A 193 23.92 -13.78 -12.42
C GLY A 193 25.41 -13.48 -12.55
N GLU A 194 25.84 -12.37 -11.94
CA GLU A 194 27.23 -11.93 -11.98
C GLU A 194 27.69 -11.21 -10.69
N GLY A 195 28.83 -10.51 -10.79
CA GLY A 195 29.39 -9.79 -9.65
C GLY A 195 28.91 -8.37 -9.45
N ASP A 196 28.66 -7.64 -10.55
CA ASP A 196 28.21 -6.25 -10.44
C ASP A 196 26.91 -6.01 -11.24
N PRO A 197 25.77 -6.46 -10.68
CA PRO A 197 24.45 -6.30 -11.30
C PRO A 197 23.80 -4.92 -11.15
N THR A 198 22.83 -4.65 -12.03
CA THR A 198 22.07 -3.40 -12.05
C THR A 198 20.61 -3.77 -12.24
N TYR A 199 19.72 -2.77 -12.23
CA TYR A 199 18.30 -3.04 -12.41
C TYR A 199 18.06 -3.62 -13.78
N ALA A 200 19.00 -3.41 -14.69
CA ALA A 200 18.88 -3.92 -16.04
C ALA A 200 18.89 -5.44 -16.01
N ASP A 201 19.45 -6.00 -14.93
CA ASP A 201 19.56 -7.43 -14.76
C ASP A 201 18.36 -8.05 -14.06
N ALA A 202 17.34 -7.24 -13.80
CA ALA A 202 16.14 -7.70 -13.13
C ALA A 202 15.35 -8.65 -14.04
N THR A 203 14.62 -9.58 -13.43
CA THR A 203 13.83 -10.52 -14.19
C THR A 203 12.55 -9.86 -14.64
N TYR A 204 11.97 -9.06 -13.75
CA TYR A 204 10.74 -8.34 -14.06
C TYR A 204 10.86 -6.90 -13.61
N ALA A 205 10.08 -6.03 -14.25
CA ALA A 205 10.13 -4.60 -13.97
C ALA A 205 9.82 -4.13 -12.55
N GLU A 206 8.89 -4.79 -11.89
CA GLU A 206 8.51 -4.40 -10.55
C GLU A 206 9.47 -4.86 -9.45
N ASP A 207 10.69 -5.19 -9.83
CA ASP A 207 11.67 -5.60 -8.85
C ASP A 207 12.33 -4.30 -8.39
N THR A 208 11.63 -3.52 -7.57
CA THR A 208 12.18 -2.28 -7.04
C THR A 208 11.71 -2.10 -5.59
N ARG A 209 12.36 -1.20 -4.85
CA ARG A 209 12.01 -0.97 -3.45
C ARG A 209 10.63 -0.37 -3.21
N ALA A 210 9.84 -0.23 -4.27
CA ALA A 210 8.48 0.31 -4.13
C ALA A 210 7.50 -0.85 -4.01
N TYR A 211 7.93 -2.04 -4.40
CA TYR A 211 7.08 -3.21 -4.36
C TYR A 211 7.56 -4.33 -3.46
N SER A 212 8.86 -4.38 -3.18
CA SER A 212 9.44 -5.42 -2.33
C SER A 212 10.66 -4.95 -1.58
N VAL A 213 10.71 -5.16 -0.26
CA VAL A 213 11.87 -4.77 0.53
C VAL A 213 13.06 -5.70 0.28
N MET A 214 12.82 -6.77 -0.49
CA MET A 214 13.83 -7.78 -0.85
C MET A 214 14.63 -7.34 -2.08
N SER A 215 14.19 -6.26 -2.71
CA SER A 215 14.84 -5.73 -3.88
C SER A 215 15.97 -4.82 -3.51
N TYR A 216 16.88 -4.62 -4.43
CA TYR A 216 18.00 -3.75 -4.19
C TYR A 216 17.94 -2.54 -5.12
N TRP A 217 16.88 -2.46 -5.94
CA TRP A 217 16.77 -1.38 -6.90
C TRP A 217 15.91 -0.20 -6.46
N GLU A 218 16.33 1.00 -6.82
CA GLU A 218 15.61 2.21 -6.43
C GLU A 218 14.18 2.21 -6.97
N GLU A 219 13.28 2.81 -6.20
CA GLU A 219 11.88 2.90 -6.59
C GLU A 219 11.70 3.79 -7.82
N GLN A 220 12.68 4.66 -8.07
CA GLN A 220 12.62 5.56 -9.21
C GLN A 220 12.54 4.79 -10.52
N ASN A 221 13.16 3.62 -10.54
CA ASN A 221 13.15 2.79 -11.73
C ASN A 221 11.73 2.54 -12.20
N THR A 222 10.78 2.49 -11.27
CA THR A 222 9.40 2.24 -11.62
C THR A 222 8.49 3.46 -11.47
N GLY A 223 9.05 4.63 -11.26
CA GLY A 223 8.24 5.83 -11.17
C GLY A 223 7.89 6.39 -9.81
N GLN A 224 8.15 5.64 -8.75
CA GLN A 224 7.84 6.12 -7.42
C GLN A 224 8.99 6.98 -6.89
N ASP A 225 8.80 7.63 -5.76
CA ASP A 225 9.85 8.48 -5.17
C ASP A 225 9.55 8.67 -3.71
N PHE A 226 10.34 8.04 -2.86
CA PHE A 226 10.14 8.14 -1.41
C PHE A 226 11.06 9.18 -0.77
N LYS A 227 11.79 9.91 -1.60
CA LYS A 227 12.69 10.98 -1.16
C LYS A 227 13.67 10.65 -0.06
N GLY A 228 14.36 9.52 -0.19
CA GLY A 228 15.35 9.13 0.79
C GLY A 228 14.90 8.18 1.86
N ALA A 229 13.59 7.98 2.01
CA ALA A 229 13.07 7.08 3.02
C ALA A 229 13.03 5.65 2.49
N TYR A 230 12.96 4.68 3.39
CA TYR A 230 12.89 3.27 3.01
C TYR A 230 11.78 2.61 3.80
N SER A 231 11.03 1.73 3.17
CA SER A 231 9.95 1.03 3.84
C SER A 231 10.49 0.18 4.97
N SER A 232 9.94 0.34 6.17
CA SER A 232 10.36 -0.41 7.33
C SER A 232 9.67 -1.78 7.42
N ALA A 233 8.49 -1.88 6.83
CA ALA A 233 7.72 -3.11 6.88
C ALA A 233 7.53 -3.72 5.49
N PRO A 234 7.03 -4.96 5.44
CA PRO A 234 6.80 -5.61 4.15
C PRO A 234 5.92 -4.79 3.19
N LEU A 235 6.30 -4.77 1.91
CA LEU A 235 5.55 -4.03 0.91
C LEU A 235 4.57 -4.94 0.19
N LEU A 236 3.88 -4.38 -0.81
CA LEU A 236 2.85 -5.08 -1.57
C LEU A 236 3.16 -6.52 -1.98
N ASP A 237 4.27 -6.73 -2.68
CA ASP A 237 4.66 -8.04 -3.15
C ASP A 237 5.17 -8.99 -2.06
N ASP A 238 5.70 -8.43 -0.97
CA ASP A 238 6.22 -9.23 0.15
C ASP A 238 5.06 -9.85 0.89
N ILE A 239 4.01 -9.06 1.12
CA ILE A 239 2.82 -9.54 1.81
C ILE A 239 2.24 -10.72 1.04
N ALA A 240 2.05 -10.54 -0.27
CA ALA A 240 1.52 -11.60 -1.13
C ALA A 240 2.39 -12.86 -1.09
N ALA A 241 3.70 -12.69 -1.15
CA ALA A 241 4.64 -13.82 -1.10
C ALA A 241 4.65 -14.55 0.23
N ILE A 242 4.77 -13.81 1.33
CA ILE A 242 4.80 -14.45 2.64
C ILE A 242 3.46 -15.13 2.94
N GLN A 243 2.38 -14.60 2.38
CA GLN A 243 1.08 -15.20 2.61
C GLN A 243 0.88 -16.53 1.88
N LYS A 244 1.50 -16.68 0.72
CA LYS A 244 1.38 -17.95 0.00
C LYS A 244 2.09 -19.01 0.84
N LEU A 245 3.12 -18.58 1.55
CA LEU A 245 3.89 -19.49 2.38
C LEU A 245 3.22 -19.88 3.67
N TYR A 246 2.83 -18.88 4.47
CA TYR A 246 2.24 -19.16 5.78
C TYR A 246 0.80 -18.69 6.00
N GLY A 247 0.12 -18.33 4.91
CA GLY A 247 -1.27 -17.87 5.00
C GLY A 247 -1.45 -16.45 5.43
N ALA A 248 -2.65 -15.90 5.20
CA ALA A 248 -2.96 -14.52 5.59
C ALA A 248 -3.37 -14.46 7.05
N ASN A 249 -2.89 -13.44 7.76
CA ASN A 249 -3.25 -13.29 9.16
C ASN A 249 -4.57 -12.54 9.23
N LEU A 250 -5.64 -13.28 9.48
CA LEU A 250 -6.97 -12.70 9.53
C LEU A 250 -7.38 -12.21 10.91
N THR A 251 -6.44 -12.12 11.83
CA THR A 251 -6.74 -11.64 13.17
C THR A 251 -6.16 -10.24 13.39
N THR A 252 -5.53 -9.69 12.36
CA THR A 252 -4.88 -8.40 12.46
C THR A 252 -5.70 -7.16 12.22
N ARG A 253 -5.69 -6.26 13.20
CA ARG A 253 -6.41 -5.01 13.12
C ARG A 253 -7.87 -5.17 12.68
N THR A 254 -8.61 -6.06 13.36
CA THR A 254 -10.02 -6.28 13.02
C THR A 254 -10.96 -5.17 13.47
N GLY A 255 -10.43 -4.17 14.16
CA GLY A 255 -11.28 -3.08 14.59
C GLY A 255 -11.28 -1.95 13.57
N ASP A 256 -11.87 -0.82 13.94
CA ASP A 256 -11.92 0.34 13.06
C ASP A 256 -10.58 1.02 13.21
N THR A 257 -9.74 0.80 12.21
CA THR A 257 -8.36 1.29 12.20
C THR A 257 -8.07 2.54 11.36
N VAL A 258 -7.25 3.43 11.90
CA VAL A 258 -6.88 4.65 11.20
C VAL A 258 -5.38 4.56 10.87
N TYR A 259 -5.03 4.81 9.62
CA TYR A 259 -3.64 4.79 9.19
C TYR A 259 -3.25 6.20 8.83
N GLY A 260 -2.04 6.61 9.17
CA GLY A 260 -1.58 7.96 8.86
C GLY A 260 -1.65 8.83 10.10
N PHE A 261 -2.32 9.97 10.00
CA PHE A 261 -2.45 10.85 11.16
C PHE A 261 -3.51 10.27 12.08
N ASN A 262 -3.37 10.55 13.39
CA ASN A 262 -4.31 10.06 14.41
C ASN A 262 -4.40 8.54 14.37
N SER A 263 -3.29 7.90 14.04
CA SER A 263 -3.26 6.44 13.93
C SER A 263 -3.49 5.70 15.25
N ASN A 264 -4.20 4.57 15.19
CA ASN A 264 -4.44 3.78 16.38
C ASN A 264 -3.88 2.35 16.22
N THR A 265 -2.96 2.21 15.24
CA THR A 265 -2.24 0.97 14.98
C THR A 265 -0.96 1.28 15.74
N GLU A 266 -0.64 0.57 16.79
CA GLU A 266 0.60 0.91 17.49
C GLU A 266 1.79 0.44 16.66
N ARG A 267 1.96 1.05 15.47
CA ARG A 267 3.04 0.73 14.52
C ARG A 267 3.65 2.01 14.00
N ASP A 268 4.94 2.20 14.23
CA ASP A 268 5.61 3.43 13.77
C ASP A 268 5.52 3.74 12.28
N PHE A 269 5.57 2.72 11.44
CA PHE A 269 5.52 2.93 10.00
C PHE A 269 4.14 3.20 9.42
N TYR A 270 3.11 3.14 10.26
CA TYR A 270 1.73 3.40 9.83
C TYR A 270 1.28 4.73 10.36
N SER A 271 2.13 5.37 11.17
CA SER A 271 1.79 6.63 11.81
C SER A 271 2.50 7.86 11.30
N ALA A 272 1.77 8.97 11.21
CA ALA A 272 2.34 10.25 10.78
C ALA A 272 2.27 11.14 12.01
N THR A 273 3.38 11.80 12.32
CA THR A 273 3.48 12.67 13.49
C THR A 273 3.51 14.15 13.18
N SER A 274 3.76 14.50 11.92
CA SER A 274 3.81 15.89 11.51
C SER A 274 3.64 15.99 10.00
N SER A 275 3.53 17.21 9.51
CA SER A 275 3.35 17.45 8.08
C SER A 275 4.61 17.09 7.32
N SER A 276 5.73 16.99 8.02
CA SER A 276 6.99 16.67 7.37
C SER A 276 7.24 15.16 7.25
N SER A 277 6.36 14.37 7.83
CA SER A 277 6.48 12.91 7.78
C SER A 277 6.53 12.36 6.36
N LYS A 278 7.41 11.39 6.15
CA LYS A 278 7.54 10.71 4.86
C LYS A 278 7.00 9.32 5.17
N LEU A 279 5.82 9.01 4.67
CA LEU A 279 5.23 7.73 4.94
C LEU A 279 5.54 6.76 3.83
N VAL A 280 5.69 5.49 4.16
CA VAL A 280 5.93 4.48 3.15
C VAL A 280 5.36 3.21 3.75
N PHE A 281 4.23 2.74 3.25
CA PHE A 281 3.65 1.54 3.82
C PHE A 281 2.62 0.86 2.93
N SER A 282 2.36 -0.40 3.23
CA SER A 282 1.39 -1.19 2.51
C SER A 282 0.46 -1.66 3.62
N VAL A 283 -0.82 -1.35 3.47
CA VAL A 283 -1.83 -1.69 4.47
C VAL A 283 -2.28 -3.15 4.46
N TRP A 284 -2.19 -3.78 5.62
CA TRP A 284 -2.71 -5.14 5.75
C TRP A 284 -3.70 -4.99 6.89
N ASP A 285 -4.96 -5.32 6.64
CA ASP A 285 -6.03 -5.17 7.61
C ASP A 285 -7.05 -6.28 7.36
N ALA A 286 -7.44 -6.97 8.42
CA ALA A 286 -8.37 -8.08 8.29
C ALA A 286 -9.82 -7.80 8.60
N GLY A 287 -10.17 -6.56 8.93
CA GLY A 287 -11.56 -6.27 9.20
C GLY A 287 -11.86 -4.90 9.76
N GLY A 288 -13.16 -4.55 9.80
CA GLY A 288 -13.59 -3.27 10.33
C GLY A 288 -13.68 -2.10 9.38
N ASN A 289 -14.14 -0.98 9.91
CA ASN A 289 -14.31 0.26 9.17
C ASN A 289 -13.02 1.06 9.32
N ASP A 290 -12.25 1.11 8.24
CA ASP A 290 -10.94 1.76 8.24
C ASP A 290 -10.83 3.06 7.49
N THR A 291 -9.90 3.90 7.94
CA THR A 291 -9.69 5.21 7.34
C THR A 291 -8.23 5.49 7.11
N LEU A 292 -7.93 6.13 5.97
CA LEU A 292 -6.57 6.55 5.65
C LEU A 292 -6.63 8.05 5.92
N ASP A 293 -6.10 8.48 7.04
CA ASP A 293 -6.14 9.89 7.41
C ASP A 293 -4.89 10.61 6.98
N PHE A 294 -4.98 11.39 5.91
CA PHE A 294 -3.82 12.14 5.45
C PHE A 294 -4.10 13.63 5.57
N SER A 295 -4.84 13.99 6.62
CA SER A 295 -5.21 15.38 6.86
C SER A 295 -4.09 16.37 7.13
N GLY A 296 -3.03 15.90 7.76
CA GLY A 296 -1.93 16.79 8.10
C GLY A 296 -1.00 17.30 7.01
N PHE A 297 -1.11 16.75 5.81
CA PHE A 297 -0.21 17.17 4.74
C PHE A 297 -0.78 18.31 3.92
N SER A 298 0.09 19.23 3.52
CA SER A 298 -0.33 20.37 2.72
C SER A 298 -0.08 20.19 1.24
N GLN A 299 0.58 19.12 0.85
CA GLN A 299 0.87 18.85 -0.56
C GLN A 299 -0.35 18.33 -1.29
N ASN A 300 -0.31 18.41 -2.61
CA ASN A 300 -1.39 17.89 -3.44
C ASN A 300 -1.20 16.37 -3.42
N GLN A 301 -2.23 15.65 -3.01
CA GLN A 301 -2.14 14.20 -2.90
C GLN A 301 -3.14 13.48 -3.79
N LYS A 302 -2.86 12.21 -4.06
CA LYS A 302 -3.74 11.38 -4.88
C LYS A 302 -3.90 10.08 -4.13
N ILE A 303 -5.10 9.83 -3.63
CA ILE A 303 -5.43 8.66 -2.83
C ILE A 303 -6.36 7.73 -3.59
N ASN A 304 -6.04 6.43 -3.57
CA ASN A 304 -6.82 5.43 -4.28
C ASN A 304 -7.08 4.29 -3.28
N LEU A 305 -8.34 4.03 -2.96
CA LEU A 305 -8.65 2.99 -1.97
C LEU A 305 -8.83 1.59 -2.53
N ASN A 306 -8.61 1.45 -3.83
CA ASN A 306 -8.72 0.16 -4.49
C ASN A 306 -7.57 -0.72 -4.02
N GLU A 307 -7.82 -2.00 -3.81
CA GLU A 307 -6.73 -2.87 -3.38
C GLU A 307 -5.68 -3.01 -4.48
N LYS A 308 -4.43 -3.12 -4.05
CA LYS A 308 -3.26 -3.24 -4.92
C LYS A 308 -2.84 -1.94 -5.57
N ALA A 309 -3.59 -0.88 -5.35
CA ALA A 309 -3.29 0.43 -5.95
C ALA A 309 -2.36 1.24 -5.07
N LEU A 310 -1.54 2.11 -5.69
CA LEU A 310 -0.63 2.96 -4.93
C LEU A 310 -1.14 4.38 -4.98
N SER A 311 -0.79 5.16 -3.96
CA SER A 311 -1.22 6.56 -3.85
C SER A 311 -0.02 7.47 -3.69
N ASP A 312 -0.16 8.74 -4.03
CA ASP A 312 0.93 9.71 -3.90
C ASP A 312 0.55 10.52 -2.67
N VAL A 313 1.08 10.11 -1.53
CA VAL A 313 0.78 10.74 -0.25
C VAL A 313 1.89 11.60 0.37
N GLY A 314 1.51 12.75 0.92
CA GLY A 314 2.43 13.62 1.59
C GLY A 314 3.67 14.09 0.87
N GLY A 315 3.59 14.31 -0.42
CA GLY A 315 4.77 14.79 -1.15
C GLY A 315 5.54 13.72 -1.89
N LEU A 316 5.36 12.46 -1.51
CA LEU A 316 6.05 11.37 -2.17
C LEU A 316 5.14 10.80 -3.25
N LYS A 317 5.69 9.97 -4.12
CA LYS A 317 4.92 9.36 -5.20
C LYS A 317 4.89 7.85 -5.04
N GLY A 318 3.71 7.25 -5.13
CA GLY A 318 3.53 5.81 -5.01
C GLY A 318 4.09 5.21 -3.74
N ASN A 319 3.93 5.94 -2.64
CA ASN A 319 4.44 5.55 -1.33
C ASN A 319 3.48 4.80 -0.43
N VAL A 320 2.19 4.84 -0.75
CA VAL A 320 1.17 4.15 0.04
C VAL A 320 0.44 3.19 -0.87
N SER A 321 0.29 1.94 -0.43
CA SER A 321 -0.41 0.93 -1.20
C SER A 321 -1.32 0.14 -0.27
N ILE A 322 -2.27 -0.58 -0.85
CA ILE A 322 -3.19 -1.40 -0.07
C ILE A 322 -3.02 -2.82 -0.58
N ALA A 323 -2.71 -3.74 0.32
CA ALA A 323 -2.47 -5.12 -0.04
C ALA A 323 -3.65 -5.80 -0.69
N ALA A 324 -3.37 -6.93 -1.34
CA ALA A 324 -4.38 -7.71 -2.02
C ALA A 324 -5.27 -8.34 -0.97
N GLY A 325 -6.58 -8.20 -1.14
CA GLY A 325 -7.50 -8.79 -0.20
C GLY A 325 -7.85 -7.88 0.95
N VAL A 326 -7.55 -6.60 0.83
CA VAL A 326 -7.85 -5.63 1.86
C VAL A 326 -8.85 -4.59 1.37
N THR A 327 -9.84 -4.29 2.21
CA THR A 327 -10.85 -3.29 1.90
C THR A 327 -10.77 -2.14 2.90
N VAL A 328 -10.22 -1.01 2.48
CA VAL A 328 -10.13 0.17 3.32
C VAL A 328 -11.36 0.98 2.90
N GLU A 329 -12.09 1.52 3.87
CA GLU A 329 -13.32 2.22 3.54
C GLU A 329 -13.30 3.72 3.36
N ASN A 330 -12.50 4.44 4.14
CA ASN A 330 -12.50 5.90 4.04
C ASN A 330 -11.13 6.52 3.86
N ALA A 331 -11.11 7.77 3.39
CA ALA A 331 -9.87 8.49 3.19
C ALA A 331 -10.13 9.96 3.41
N ILE A 332 -9.17 10.64 4.00
CA ILE A 332 -9.29 12.05 4.31
C ILE A 332 -8.09 12.75 3.72
N GLY A 333 -8.35 13.74 2.87
CA GLY A 333 -7.28 14.47 2.23
C GLY A 333 -6.83 15.62 3.11
N GLY A 334 -5.82 16.35 2.66
CA GLY A 334 -5.31 17.48 3.42
C GLY A 334 -5.72 18.81 2.81
N SER A 335 -5.02 19.88 3.17
CA SER A 335 -5.36 21.19 2.65
C SER A 335 -4.95 21.46 1.20
N GLY A 336 -4.25 20.51 0.58
CA GLY A 336 -3.86 20.70 -0.80
C GLY A 336 -5.01 20.25 -1.68
N SER A 337 -4.87 20.49 -2.98
CA SER A 337 -5.91 20.07 -3.92
C SER A 337 -5.66 18.60 -4.22
N ASP A 338 -6.52 17.75 -3.68
CA ASP A 338 -6.38 16.29 -3.80
C ASP A 338 -7.30 15.60 -4.80
N LEU A 339 -7.00 14.33 -5.02
CA LEU A 339 -7.75 13.48 -5.91
C LEU A 339 -8.03 12.24 -5.06
N LEU A 340 -9.30 12.01 -4.70
CA LEU A 340 -9.63 10.86 -3.89
C LEU A 340 -10.51 9.90 -4.63
N ILE A 341 -10.05 8.69 -4.89
CA ILE A 341 -10.87 7.75 -5.61
C ILE A 341 -11.22 6.55 -4.73
N GLY A 342 -12.51 6.26 -4.59
CA GLY A 342 -12.96 5.15 -3.77
C GLY A 342 -12.98 3.82 -4.48
N ASN A 343 -13.37 2.79 -3.75
CA ASN A 343 -13.45 1.45 -4.31
C ASN A 343 -14.89 1.05 -4.44
N ASP A 344 -15.15 -0.25 -4.60
CA ASP A 344 -16.51 -0.74 -4.79
C ASP A 344 -17.49 -0.58 -3.63
N VAL A 345 -17.00 -0.57 -2.40
CA VAL A 345 -17.89 -0.43 -1.26
C VAL A 345 -18.25 1.02 -0.98
N ALA A 346 -19.08 1.23 0.03
CA ALA A 346 -19.52 2.57 0.42
C ALA A 346 -18.36 3.20 1.14
N ASN A 347 -17.99 4.40 0.72
CA ASN A 347 -16.83 5.07 1.29
C ASN A 347 -17.18 6.43 1.79
N VAL A 348 -16.36 6.93 2.72
CA VAL A 348 -16.51 8.27 3.22
C VAL A 348 -15.23 8.94 2.72
N LEU A 349 -15.36 9.89 1.83
CA LEU A 349 -14.21 10.58 1.27
C LEU A 349 -14.35 12.02 1.70
N LYS A 350 -13.28 12.60 2.25
CA LYS A 350 -13.30 13.98 2.69
C LYS A 350 -12.12 14.70 2.07
N GLY A 351 -12.41 15.67 1.21
CA GLY A 351 -11.33 16.37 0.56
C GLY A 351 -10.62 17.43 1.37
N GLY A 352 -11.26 17.89 2.44
CA GLY A 352 -10.65 18.92 3.26
C GLY A 352 -10.52 20.21 2.46
N ALA A 353 -9.66 21.12 2.89
CA ALA A 353 -9.48 22.36 2.15
C ALA A 353 -8.92 22.08 0.76
N GLY A 354 -8.78 23.12 -0.05
CA GLY A 354 -8.29 22.94 -1.40
C GLY A 354 -9.38 22.44 -2.33
N ASN A 355 -9.11 22.54 -3.62
CA ASN A 355 -10.05 22.12 -4.65
C ASN A 355 -9.82 20.67 -5.03
N ASP A 356 -10.66 19.80 -4.48
CA ASP A 356 -10.55 18.36 -4.68
C ASP A 356 -11.45 17.77 -5.73
N ILE A 357 -11.07 16.59 -6.19
CA ILE A 357 -11.84 15.84 -7.15
C ILE A 357 -12.14 14.53 -6.46
N LEU A 358 -13.41 14.29 -6.16
CA LEU A 358 -13.87 13.10 -5.46
C LEU A 358 -14.57 12.14 -6.42
N TYR A 359 -14.17 10.88 -6.39
CA TYR A 359 -14.76 9.85 -7.24
C TYR A 359 -15.08 8.72 -6.29
N GLY A 360 -16.37 8.50 -6.03
CA GLY A 360 -16.74 7.44 -5.10
C GLY A 360 -16.75 6.02 -5.62
N GLY A 361 -16.91 5.85 -6.93
CA GLY A 361 -16.96 4.52 -7.52
C GLY A 361 -18.26 3.85 -7.17
N LEU A 362 -18.30 2.53 -7.23
CA LEU A 362 -19.50 1.79 -6.88
C LEU A 362 -19.89 2.03 -5.43
N GLY A 363 -21.11 1.62 -5.09
CA GLY A 363 -21.62 1.80 -3.75
C GLY A 363 -22.14 3.20 -3.45
N ALA A 364 -22.87 3.31 -2.35
CA ALA A 364 -23.46 4.56 -1.88
C ALA A 364 -22.46 5.26 -1.01
N ASP A 365 -21.78 6.26 -1.56
CA ASP A 365 -20.76 6.96 -0.83
C ASP A 365 -21.25 8.23 -0.19
N GLN A 366 -20.51 8.68 0.80
CA GLN A 366 -20.80 9.91 1.51
C GLN A 366 -19.62 10.78 1.13
N LEU A 367 -19.84 11.71 0.21
CA LEU A 367 -18.77 12.57 -0.26
C LEU A 367 -18.80 13.93 0.38
N TRP A 368 -17.67 14.35 0.94
CA TRP A 368 -17.55 15.67 1.56
C TRP A 368 -16.42 16.38 0.84
N GLY A 369 -16.70 17.49 0.19
CA GLY A 369 -15.64 18.19 -0.50
C GLY A 369 -14.90 19.16 0.39
N GLY A 370 -15.56 19.62 1.44
CA GLY A 370 -14.95 20.58 2.34
C GLY A 370 -14.78 21.94 1.68
N ALA A 371 -13.99 22.80 2.29
CA ALA A 371 -13.72 24.13 1.78
C ALA A 371 -13.23 24.03 0.33
N GLY A 372 -13.38 25.11 -0.43
CA GLY A 372 -12.93 25.12 -1.81
C GLY A 372 -13.91 24.59 -2.83
N ALA A 373 -13.61 24.83 -4.10
CA ALA A 373 -14.44 24.39 -5.21
C ALA A 373 -14.04 22.97 -5.56
N ASP A 374 -14.90 22.03 -5.18
CA ASP A 374 -14.62 20.62 -5.41
C ASP A 374 -15.49 20.05 -6.50
N THR A 375 -14.98 19.03 -7.20
CA THR A 375 -15.69 18.37 -8.28
C THR A 375 -16.00 16.93 -7.91
N PHE A 376 -17.24 16.51 -8.08
CA PHE A 376 -17.65 15.16 -7.74
C PHE A 376 -17.87 14.44 -9.07
N VAL A 377 -16.93 13.55 -9.40
CA VAL A 377 -16.92 12.83 -10.65
C VAL A 377 -17.66 11.48 -10.69
N TYR A 378 -18.25 11.16 -11.84
CA TYR A 378 -18.98 9.90 -12.07
C TYR A 378 -18.61 9.42 -13.46
N GLY A 379 -18.45 8.12 -13.61
CA GLY A 379 -18.08 7.59 -14.90
C GLY A 379 -18.96 6.42 -15.28
N ASP A 380 -19.99 6.16 -14.49
CA ASP A 380 -20.88 5.04 -14.77
C ASP A 380 -22.14 5.26 -13.95
N ILE A 381 -23.29 5.03 -14.56
CA ILE A 381 -24.55 5.25 -13.85
C ILE A 381 -24.71 4.34 -12.64
N ALA A 382 -24.16 3.13 -12.71
CA ALA A 382 -24.25 2.19 -11.59
C ALA A 382 -23.52 2.68 -10.35
N GLU A 383 -22.73 3.74 -10.50
CA GLU A 383 -21.98 4.28 -9.39
C GLU A 383 -22.86 5.08 -8.45
N SER A 384 -24.10 5.31 -8.84
CA SER A 384 -25.02 6.06 -8.01
C SER A 384 -26.42 5.68 -8.49
N SER A 385 -26.72 4.39 -8.39
CA SER A 385 -28.00 3.87 -8.80
C SER A 385 -29.06 4.61 -8.02
N ALA A 386 -30.30 4.51 -8.47
CA ALA A 386 -31.41 5.14 -7.79
C ALA A 386 -31.64 4.31 -6.53
N ALA A 387 -31.33 3.02 -6.63
CA ALA A 387 -31.50 2.12 -5.50
C ALA A 387 -30.54 2.39 -4.35
N ALA A 388 -29.30 2.75 -4.67
CA ALA A 388 -28.27 3.03 -3.65
C ALA A 388 -27.47 4.26 -4.06
N PRO A 389 -28.07 5.44 -3.97
CA PRO A 389 -27.41 6.69 -4.36
C PRO A 389 -26.35 7.23 -3.41
N ASP A 390 -25.47 8.05 -3.96
CA ASP A 390 -24.41 8.71 -3.20
C ASP A 390 -25.13 9.80 -2.40
N THR A 391 -24.40 10.51 -1.56
CA THR A 391 -24.95 11.63 -0.81
C THR A 391 -23.81 12.64 -0.72
N LEU A 392 -24.04 13.83 -1.30
CA LEU A 392 -23.03 14.89 -1.25
C LEU A 392 -23.34 15.69 0.03
N ARG A 393 -22.70 15.30 1.12
CA ARG A 393 -22.93 15.88 2.43
C ARG A 393 -22.60 17.33 2.69
N ASP A 394 -22.19 18.08 1.66
CA ASP A 394 -21.87 19.49 1.87
C ASP A 394 -21.73 20.28 0.56
N PHE A 395 -22.69 20.06 -0.34
CA PHE A 395 -22.67 20.72 -1.62
C PHE A 395 -22.92 22.22 -1.51
N VAL A 396 -22.24 22.98 -2.36
CA VAL A 396 -22.36 24.42 -2.38
C VAL A 396 -22.50 24.86 -3.81
N SER A 397 -23.75 25.12 -4.21
CA SER A 397 -24.02 25.58 -5.56
C SER A 397 -23.17 26.78 -5.87
N GLY A 398 -22.73 26.88 -7.11
CA GLY A 398 -21.91 28.00 -7.51
C GLY A 398 -20.48 27.92 -7.04
N GLN A 399 -20.10 26.76 -6.51
CA GLN A 399 -18.74 26.53 -6.04
C GLN A 399 -18.35 25.10 -6.40
N ASP A 400 -19.19 24.14 -6.00
CA ASP A 400 -18.95 22.74 -6.29
C ASP A 400 -19.63 22.35 -7.60
N LYS A 401 -19.13 21.29 -8.24
CA LYS A 401 -19.71 20.84 -9.50
C LYS A 401 -19.87 19.34 -9.49
N ILE A 402 -20.90 18.86 -10.17
CA ILE A 402 -21.18 17.43 -10.28
C ILE A 402 -20.74 17.11 -11.70
N ASP A 403 -19.72 16.26 -11.85
CA ASP A 403 -19.22 15.94 -13.18
C ASP A 403 -19.73 14.64 -13.77
N LEU A 404 -20.48 14.78 -14.86
CA LEU A 404 -21.05 13.64 -15.56
C LEU A 404 -20.47 13.50 -16.98
N SER A 405 -19.57 14.40 -17.35
CA SER A 405 -19.00 14.41 -18.70
C SER A 405 -18.35 13.14 -19.24
N GLY A 406 -17.99 12.21 -18.37
CA GLY A 406 -17.34 10.99 -18.83
C GLY A 406 -18.25 9.79 -18.99
N LEU A 407 -19.56 9.99 -18.80
CA LEU A 407 -20.52 8.90 -18.94
C LEU A 407 -20.67 8.60 -20.41
N ASP A 408 -20.83 7.31 -20.71
CA ASP A 408 -21.01 6.84 -22.07
C ASP A 408 -22.16 7.53 -22.77
N ALA A 409 -23.29 7.60 -22.07
CA ALA A 409 -24.49 8.23 -22.60
C ALA A 409 -24.20 9.60 -23.17
N PHE A 410 -23.28 10.33 -22.57
CA PHE A 410 -22.98 11.68 -23.05
C PHE A 410 -21.84 11.70 -24.06
N VAL A 411 -20.73 11.07 -23.72
CA VAL A 411 -19.55 11.07 -24.58
C VAL A 411 -19.63 10.22 -25.86
N ASN A 412 -20.56 9.28 -25.91
CA ASN A 412 -20.73 8.44 -27.09
C ASN A 412 -22.15 8.49 -27.61
N GLY A 413 -23.14 8.43 -26.73
CA GLY A 413 -24.52 8.46 -27.17
C GLY A 413 -25.04 9.82 -27.58
N GLY A 414 -24.34 10.88 -27.19
CA GLY A 414 -24.75 12.22 -27.53
C GLY A 414 -26.06 12.62 -26.88
N LEU A 415 -26.33 12.07 -25.71
CA LEU A 415 -27.55 12.35 -24.96
C LEU A 415 -27.56 13.78 -24.42
N VAL A 416 -28.71 14.43 -24.53
CA VAL A 416 -28.87 15.79 -24.04
C VAL A 416 -29.81 15.77 -22.85
N LEU A 417 -29.49 16.55 -21.82
CA LEU A 417 -30.32 16.60 -20.61
C LEU A 417 -31.44 17.63 -20.72
N GLN A 418 -32.66 17.17 -20.48
CA GLN A 418 -33.82 18.04 -20.48
C GLN A 418 -34.38 17.99 -19.06
N TYR A 419 -34.30 19.12 -18.37
CA TYR A 419 -34.78 19.24 -17.00
C TYR A 419 -36.29 19.38 -16.89
N VAL A 420 -36.93 18.30 -16.44
CA VAL A 420 -38.37 18.23 -16.28
C VAL A 420 -38.73 18.21 -14.78
N ASP A 421 -40.02 18.13 -14.46
CA ASP A 421 -40.49 18.07 -13.09
C ASP A 421 -41.13 16.72 -12.83
N ALA A 422 -41.24 15.93 -13.90
CA ALA A 422 -41.83 14.60 -13.79
C ALA A 422 -41.37 13.80 -14.98
N PHE A 423 -41.07 12.53 -14.73
CA PHE A 423 -40.61 11.68 -15.81
C PHE A 423 -41.79 11.39 -16.72
N ALA A 424 -41.62 11.69 -17.99
CA ALA A 424 -42.67 11.48 -18.99
C ALA A 424 -42.47 10.21 -19.79
N GLY A 425 -41.21 9.86 -20.05
CA GLY A 425 -40.96 8.68 -20.84
C GLY A 425 -39.99 8.93 -21.98
N LYS A 426 -39.11 9.89 -21.76
CA LYS A 426 -38.11 10.25 -22.74
C LYS A 426 -36.76 10.10 -22.03
N ALA A 427 -35.73 9.73 -22.77
CA ALA A 427 -34.40 9.57 -22.19
C ALA A 427 -33.71 10.94 -22.07
N GLY A 428 -33.06 11.18 -20.93
CA GLY A 428 -32.37 12.45 -20.74
C GLY A 428 -33.08 13.44 -19.84
N GLN A 429 -34.19 13.04 -19.25
CA GLN A 429 -34.94 13.91 -18.35
C GLN A 429 -34.36 13.87 -16.95
N ALA A 430 -34.11 15.05 -16.39
CA ALA A 430 -33.52 15.15 -15.06
C ALA A 430 -34.32 16.07 -14.14
N ILE A 431 -34.61 15.58 -12.93
CA ILE A 431 -35.35 16.34 -11.94
C ILE A 431 -34.44 16.80 -10.81
N LEU A 432 -34.24 18.10 -10.72
CA LEU A 432 -33.42 18.68 -9.66
C LEU A 432 -34.35 19.12 -8.54
N SER A 433 -34.50 18.29 -7.52
CA SER A 433 -35.36 18.61 -6.38
C SER A 433 -34.58 19.33 -5.27
N TYR A 434 -35.31 19.79 -4.26
CA TYR A 434 -34.70 20.48 -3.12
C TYR A 434 -35.73 20.95 -2.08
N ASP A 435 -35.74 20.29 -0.93
CA ASP A 435 -36.65 20.67 0.15
C ASP A 435 -35.95 21.74 1.00
N ALA A 436 -36.42 22.98 0.90
CA ALA A 436 -35.84 24.07 1.67
C ALA A 436 -35.95 23.80 3.17
N ALA A 437 -36.97 23.05 3.56
CA ALA A 437 -37.19 22.72 4.97
C ALA A 437 -35.97 21.98 5.50
N SER A 438 -35.77 20.76 5.00
CA SER A 438 -34.63 19.93 5.44
C SER A 438 -33.32 20.47 4.88
N LYS A 439 -33.41 21.27 3.82
CA LYS A 439 -32.23 21.82 3.15
C LYS A 439 -31.58 20.64 2.42
N ALA A 440 -32.42 19.72 1.97
CA ALA A 440 -31.98 18.52 1.28
C ALA A 440 -32.26 18.59 -0.23
N GLY A 441 -31.19 18.62 -1.03
CA GLY A 441 -31.32 18.68 -2.48
C GLY A 441 -31.39 17.28 -3.10
N SER A 442 -31.57 17.20 -4.42
CA SER A 442 -31.65 15.90 -5.07
C SER A 442 -31.59 16.00 -6.58
N LEU A 443 -31.02 14.97 -7.19
CA LEU A 443 -30.89 14.92 -8.64
C LEU A 443 -31.18 13.51 -9.10
N ALA A 444 -32.18 13.38 -9.97
CA ALA A 444 -32.56 12.08 -10.51
C ALA A 444 -32.54 12.20 -12.03
N ILE A 445 -32.06 11.15 -12.71
CA ILE A 445 -32.00 11.18 -14.16
C ILE A 445 -32.51 9.87 -14.71
N ASP A 446 -33.31 9.96 -15.76
CA ASP A 446 -33.83 8.77 -16.40
C ASP A 446 -33.08 8.57 -17.70
N PHE A 447 -32.08 7.70 -17.68
CA PHE A 447 -31.30 7.44 -18.88
C PHE A 447 -32.03 6.48 -19.85
N SER A 448 -32.80 5.55 -19.31
CA SER A 448 -33.52 4.58 -20.14
C SER A 448 -34.84 5.05 -20.73
N GLY A 449 -35.22 6.29 -20.42
CA GLY A 449 -36.48 6.82 -20.93
C GLY A 449 -37.77 6.16 -20.46
N ASP A 450 -37.72 5.26 -19.47
CA ASP A 450 -38.95 4.61 -19.00
C ASP A 450 -39.64 5.34 -17.85
N ALA A 451 -39.49 6.66 -17.83
CA ALA A 451 -40.07 7.50 -16.78
C ALA A 451 -39.66 7.14 -15.35
N HIS A 452 -38.55 6.41 -15.19
CA HIS A 452 -38.06 6.03 -13.87
C HIS A 452 -36.58 6.36 -13.80
N ALA A 453 -36.16 6.98 -12.70
CA ALA A 453 -34.75 7.36 -12.50
C ALA A 453 -33.87 6.13 -12.44
N ASP A 454 -32.74 6.19 -13.13
CA ASP A 454 -31.78 5.07 -13.14
C ASP A 454 -30.60 5.50 -12.29
N PHE A 455 -30.34 6.81 -12.32
CA PHE A 455 -29.22 7.43 -11.63
C PHE A 455 -29.78 8.50 -10.70
N ALA A 456 -29.32 8.51 -9.44
CA ALA A 456 -29.78 9.46 -8.44
C ALA A 456 -28.62 9.92 -7.56
N ILE A 457 -28.70 11.14 -7.05
CA ILE A 457 -27.67 11.71 -6.18
C ILE A 457 -28.34 12.53 -5.07
N ASN A 458 -28.28 12.07 -3.83
CA ASN A 458 -28.87 12.82 -2.72
C ASN A 458 -28.00 14.00 -2.40
N LEU A 459 -28.57 15.03 -1.80
CA LEU A 459 -27.79 16.22 -1.49
C LEU A 459 -28.20 16.90 -0.20
N ILE A 460 -27.25 17.67 0.34
CA ILE A 460 -27.46 18.45 1.55
C ILE A 460 -26.77 19.74 1.17
N GLY A 461 -27.53 20.57 0.49
CA GLY A 461 -27.05 21.85 -0.01
C GLY A 461 -27.86 22.06 -1.27
N GLN A 462 -27.72 23.22 -1.90
CA GLN A 462 -28.48 23.51 -3.12
C GLN A 462 -27.69 23.18 -4.37
N ALA A 463 -28.35 22.54 -5.34
CA ALA A 463 -27.72 22.20 -6.60
C ALA A 463 -28.53 22.80 -7.75
N THR A 464 -27.93 23.78 -8.42
CA THR A 464 -28.53 24.46 -9.57
C THR A 464 -28.20 23.62 -10.83
N GLN A 465 -28.74 24.00 -12.00
CA GLN A 465 -28.44 23.26 -13.23
C GLN A 465 -27.08 23.70 -13.73
N ALA A 466 -26.62 24.84 -13.27
CA ALA A 466 -25.32 25.37 -13.66
C ALA A 466 -24.18 24.69 -12.90
N ASP A 467 -24.53 23.78 -12.00
CA ASP A 467 -23.54 23.08 -11.20
C ASP A 467 -23.19 21.72 -11.80
N ILE A 468 -24.09 21.20 -12.63
CA ILE A 468 -23.93 19.91 -13.28
C ILE A 468 -23.16 20.03 -14.61
N VAL A 469 -22.05 19.31 -14.74
CA VAL A 469 -21.21 19.34 -15.93
C VAL A 469 -21.40 18.07 -16.75
N VAL A 470 -21.58 18.25 -18.06
CA VAL A 470 -21.75 17.13 -18.99
C VAL A 470 -20.87 17.36 -20.20
ZN ZN B . 19.20 -10.03 0.68
CA CA C . -9.24 -2.64 10.81
CA CA D . -12.24 -2.52 6.18
CA CA E . -7.68 18.87 0.03
CA CA F . -12.16 20.83 -0.64
CA CA G . -16.61 23.00 -1.36
CA CA H . -17.24 3.40 -3.42
CA CA I . -20.98 5.70 -5.68
CA CA J . -35.24 4.23 -16.06
#